data_4IMZ
#
_entry.id   4IMZ
#
_cell.length_a   122.575
_cell.length_b   122.575
_cell.length_c   51.126
_cell.angle_alpha   90.00
_cell.angle_beta   90.00
_cell.angle_gamma   120.00
#
_symmetry.space_group_name_H-M   'P 65 2 2'
#
loop_
_entity.id
_entity.type
_entity.pdbx_description
1 polymer 'Genome polyprotein'
2 polymer 'peptide inhibitor, syc 10'
3 non-polymer 'THIOCYANATE ION'
4 non-polymer 'SODIUM ION'
5 water water
#
loop_
_entity_poly.entity_id
_entity_poly.type
_entity_poly.pdbx_seq_one_letter_code
_entity_poly.pdbx_strand_id
1 'polypeptide(L)'
;DKAPPTLWSRVTKFGSGWGFWVSPTVFITTTHVVPTGVKEFFGEPLSSIAIHQAGEFTQFRFSKKMRPDLTGMVLEEGCP
EGTVCSVLIKRDSGELLPLAVRMGAIASMRIQGRLVHGQSGMLLTGANAKGMDLGTIPGDCGAPYVHKRGNDWVVCGVHA
AATKSGNTVVCAVQAGEGETALE
;
A
2 'polypeptide(L)' (PHQ)LF(1HB) B
#
# COMPACT_ATOMS: atom_id res chain seq x y z
N ASP A 1 -12.55 12.61 -7.77
CA ASP A 1 -11.63 13.69 -8.07
C ASP A 1 -10.21 13.09 -8.23
N LYS A 2 -9.30 13.83 -8.81
CA LYS A 2 -8.00 13.30 -9.06
C LYS A 2 -7.06 13.45 -7.85
N ALA A 3 -6.17 12.50 -7.68
CA ALA A 3 -5.21 12.60 -6.58
C ALA A 3 -4.36 13.86 -6.80
N PRO A 4 -4.21 14.70 -5.77
CA PRO A 4 -3.38 15.91 -5.93
C PRO A 4 -1.89 15.60 -5.89
N PRO A 5 -1.06 16.51 -6.38
CA PRO A 5 0.39 16.31 -6.35
C PRO A 5 0.92 15.94 -4.95
N THR A 6 0.43 16.57 -3.89
CA THR A 6 0.98 16.26 -2.56
C THR A 6 0.79 14.77 -2.19
N LEU A 7 -0.38 14.23 -2.58
CA LEU A 7 -0.71 12.83 -2.32
C LEU A 7 0.26 11.94 -3.06
N TRP A 8 0.49 12.23 -4.34
CA TRP A 8 1.48 11.51 -5.12
C TRP A 8 2.86 11.60 -4.47
N SER A 9 3.15 12.76 -3.87
CA SER A 9 4.49 12.99 -3.31
C SER A 9 4.73 12.08 -2.11
N ARG A 10 3.66 11.57 -1.52
CA ARG A 10 3.84 10.52 -0.48
C ARG A 10 4.34 9.16 -1.00
N VAL A 11 4.10 8.86 -2.27
CA VAL A 11 4.53 7.59 -2.87
C VAL A 11 6.04 7.66 -3.13
N THR A 12 6.76 6.68 -2.60
CA THR A 12 8.21 6.80 -2.46
C THR A 12 8.90 5.51 -2.89
N LYS A 13 9.95 5.62 -3.72
CA LYS A 13 10.70 4.43 -4.12
C LYS A 13 11.31 3.78 -2.88
N PHE A 14 11.19 2.46 -2.76
CA PHE A 14 11.68 1.76 -1.58
C PHE A 14 11.95 0.30 -1.91
N GLY A 15 13.17 -0.17 -1.61
CA GLY A 15 13.49 -1.56 -1.87
C GLY A 15 13.18 -1.94 -3.32
N SER A 16 12.53 -3.08 -3.52
CA SER A 16 12.19 -3.54 -4.86
C SER A 16 10.83 -3.03 -5.32
N GLY A 17 10.29 -2.04 -4.61
CA GLY A 17 9.01 -1.46 -4.95
C GLY A 17 8.86 -0.04 -4.44
N TRP A 18 7.78 0.19 -3.71
CA TRP A 18 7.41 1.53 -3.24
C TRP A 18 6.84 1.46 -1.84
N GLY A 19 6.69 2.62 -1.21
CA GLY A 19 5.98 2.75 0.05
C GLY A 19 5.29 4.11 0.07
N PHE A 20 4.69 4.44 1.19
CA PHE A 20 3.79 5.59 1.27
C PHE A 20 3.91 6.26 2.64
N TRP A 21 4.20 7.56 2.63
CA TRP A 21 4.22 8.34 3.87
C TRP A 21 2.81 8.68 4.32
N VAL A 22 2.35 8.04 5.39
CA VAL A 22 1.04 8.34 5.97
C VAL A 22 1.10 9.65 6.76
N SER A 23 2.29 9.97 7.28
CA SER A 23 2.47 11.15 8.11
C SER A 23 3.98 11.48 8.07
N PRO A 24 4.40 12.52 8.80
CA PRO A 24 5.84 12.82 8.79
C PRO A 24 6.70 11.69 9.33
N THR A 25 6.14 10.80 10.14
CA THR A 25 6.95 9.73 10.77
C THR A 25 6.53 8.31 10.39
N VAL A 26 5.39 8.15 9.73
CA VAL A 26 4.87 6.80 9.47
C VAL A 26 4.92 6.46 7.98
N PHE A 27 5.58 5.34 7.67
CA PHE A 27 5.77 4.90 6.29
C PHE A 27 5.19 3.49 6.19
N ILE A 28 4.37 3.21 5.18
CA ILE A 28 3.85 1.87 5.01
C ILE A 28 4.30 1.29 3.67
N THR A 29 4.45 -0.02 3.63
CA THR A 29 4.90 -0.68 2.41
C THR A 29 4.53 -2.15 2.47
N THR A 30 4.85 -2.86 1.40
CA THR A 30 4.56 -4.28 1.29
C THR A 30 5.78 -5.07 1.75
N THR A 31 5.55 -6.01 2.66
CA THR A 31 6.66 -6.70 3.32
C THR A 31 7.71 -7.26 2.35
N HIS A 32 7.28 -7.90 1.29
CA HIS A 32 8.23 -8.53 0.41
C HIS A 32 9.13 -7.60 -0.40
N VAL A 33 8.81 -6.30 -0.45
CA VAL A 33 9.69 -5.38 -1.14
C VAL A 33 10.75 -4.77 -0.22
N VAL A 34 10.59 -4.94 1.10
CA VAL A 34 11.53 -4.38 2.07
C VAL A 34 12.92 -5.00 1.88
N PRO A 35 13.95 -4.14 1.75
CA PRO A 35 15.28 -4.71 1.60
C PRO A 35 15.70 -5.46 2.82
N THR A 36 16.44 -6.46 2.45
CA THR A 36 16.86 -7.53 3.28
C THR A 36 18.33 -7.24 3.58
N GLY A 37 18.74 -7.47 4.81
CA GLY A 37 20.16 -7.37 5.16
C GLY A 37 20.70 -5.96 5.42
N VAL A 38 19.83 -4.96 5.47
CA VAL A 38 20.28 -3.58 5.66
C VAL A 38 20.30 -3.20 7.13
N LYS A 39 20.97 -2.09 7.44
CA LYS A 39 21.07 -1.63 8.82
C LYS A 39 20.38 -0.30 9.04
N GLU A 40 19.75 0.22 8.00
CA GLU A 40 19.04 1.48 8.08
C GLU A 40 18.02 1.59 6.97
N PHE A 41 17.01 2.42 7.18
CA PHE A 41 16.06 2.80 6.15
C PHE A 41 16.03 4.33 6.12
N PHE A 42 16.13 4.92 4.92
CA PHE A 42 16.15 6.37 4.78
C PHE A 42 17.17 7.06 5.70
N GLY A 43 18.30 6.39 5.91
CA GLY A 43 19.37 6.96 6.71
C GLY A 43 19.19 6.81 8.22
N GLU A 44 18.10 6.18 8.65
CA GLU A 44 17.83 5.98 10.07
C GLU A 44 18.16 4.56 10.49
N PRO A 45 18.94 4.39 11.57
CA PRO A 45 19.30 3.04 12.00
C PRO A 45 18.07 2.28 12.48
N LEU A 46 18.07 0.96 12.31
CA LEU A 46 16.89 0.14 12.57
C LEU A 46 16.39 0.31 14.01
N SER A 47 17.32 0.47 14.94
CA SER A 47 16.93 0.58 16.34
C SER A 47 16.20 1.90 16.66
N SER A 48 16.19 2.85 15.72
CA SER A 48 15.47 4.10 15.93
C SER A 48 14.10 4.06 15.26
N ILE A 49 13.72 2.88 14.76
CA ILE A 49 12.46 2.74 14.06
C ILE A 49 11.64 1.69 14.78
N ALA A 50 10.35 1.95 14.92
CA ALA A 50 9.42 0.93 15.38
C ALA A 50 8.87 0.25 14.12
N ILE A 51 9.29 -1.00 13.91
CA ILE A 51 8.91 -1.74 12.71
C ILE A 51 7.85 -2.77 13.04
N HIS A 52 6.65 -2.59 12.49
CA HIS A 52 5.56 -3.52 12.69
C HIS A 52 5.31 -4.25 11.38
N GLN A 53 5.25 -5.58 11.42
CA GLN A 53 4.98 -6.35 10.22
C GLN A 53 3.93 -7.40 10.49
N ALA A 54 2.91 -7.47 9.65
CA ALA A 54 1.88 -8.51 9.74
C ALA A 54 1.61 -9.02 8.34
N GLY A 55 2.07 -10.23 8.07
CA GLY A 55 1.98 -10.76 6.74
C GLY A 55 2.64 -9.81 5.76
N GLU A 56 1.89 -9.42 4.77
N GLU A 56 1.93 -9.43 4.71
CA GLU A 56 2.48 -8.61 3.72
CA GLU A 56 2.50 -8.54 3.69
C GLU A 56 2.31 -7.10 3.96
C GLU A 56 2.38 -7.05 3.99
N PHE A 57 1.83 -6.72 5.15
CA PHE A 57 1.77 -5.31 5.54
C PHE A 57 2.94 -4.94 6.45
N THR A 58 3.67 -3.88 6.09
CA THR A 58 4.76 -3.39 6.94
C THR A 58 4.56 -1.90 7.23
N GLN A 59 4.72 -1.52 8.50
CA GLN A 59 4.68 -0.13 8.90
C GLN A 59 5.94 0.24 9.67
N PHE A 60 6.56 1.35 9.28
CA PHE A 60 7.67 1.92 10.02
C PHE A 60 7.18 3.18 10.73
N ARG A 61 7.55 3.32 12.00
CA ARG A 61 7.40 4.60 12.68
C ARG A 61 8.78 5.11 13.08
N PHE A 62 9.21 6.16 12.39
CA PHE A 62 10.53 6.73 12.63
C PHE A 62 10.49 7.63 13.85
N SER A 63 11.62 7.72 14.55
CA SER A 63 11.65 8.53 15.76
C SER A 63 11.89 10.01 15.46
N LYS A 64 12.22 10.33 14.22
CA LYS A 64 12.28 11.72 13.82
C LYS A 64 11.38 11.97 12.64
N LYS A 65 11.03 13.25 12.46
CA LYS A 65 10.20 13.68 11.35
C LYS A 65 10.96 13.55 10.03
N MET A 66 10.50 12.61 9.20
CA MET A 66 11.16 12.37 7.92
C MET A 66 10.53 13.20 6.80
N ARG A 67 9.22 13.42 6.90
CA ARG A 67 8.53 14.26 5.95
C ARG A 67 7.68 15.30 6.68
N PRO A 68 8.37 16.27 7.33
CA PRO A 68 7.64 17.26 8.15
C PRO A 68 6.76 18.17 7.30
N ASP A 69 6.93 18.12 5.98
CA ASP A 69 6.07 18.87 5.06
C ASP A 69 4.64 18.32 4.99
N LEU A 70 4.45 17.06 5.37
CA LEU A 70 3.16 16.41 5.23
C LEU A 70 2.28 16.53 6.44
N THR A 71 0.97 16.59 6.23
CA THR A 71 0.01 16.38 7.30
C THR A 71 -0.14 14.87 7.51
N GLY A 72 -0.60 14.47 8.67
CA GLY A 72 -1.01 13.08 8.85
C GLY A 72 -2.28 12.86 8.07
N MET A 73 -2.48 11.64 7.58
CA MET A 73 -3.76 11.29 6.96
C MET A 73 -4.22 9.97 7.53
N VAL A 74 -5.45 9.58 7.21
CA VAL A 74 -6.05 8.38 7.81
C VAL A 74 -5.66 7.12 7.08
N LEU A 75 -5.17 6.14 7.86
CA LEU A 75 -4.93 4.80 7.36
C LEU A 75 -5.98 3.88 7.98
N GLU A 76 -6.69 3.15 7.14
CA GLU A 76 -7.71 2.21 7.62
C GLU A 76 -7.40 0.80 7.17
N GLU A 77 -8.00 -0.19 7.85
CA GLU A 77 -7.80 -1.57 7.45
C GLU A 77 -8.72 -1.94 6.32
N GLY A 78 -8.25 -1.73 5.08
CA GLY A 78 -9.08 -1.96 3.91
C GLY A 78 -10.26 -1.01 3.90
N CYS A 79 -11.25 -1.35 3.08
CA CYS A 79 -12.42 -0.49 2.91
C CYS A 79 -13.65 -1.38 2.67
N PRO A 80 -14.85 -0.76 2.73
CA PRO A 80 -16.07 -1.57 2.52
C PRO A 80 -16.14 -2.22 1.16
N GLU A 81 -16.79 -3.37 1.09
CA GLU A 81 -17.10 -4.01 -0.18
C GLU A 81 -17.61 -2.98 -1.16
N GLY A 82 -17.09 -3.00 -2.38
CA GLY A 82 -17.63 -2.15 -3.44
C GLY A 82 -16.99 -0.79 -3.58
N THR A 83 -16.21 -0.41 -2.59
CA THR A 83 -15.53 0.88 -2.61
C THR A 83 -14.62 0.98 -3.82
N VAL A 84 -14.73 2.07 -4.58
CA VAL A 84 -13.80 2.30 -5.69
C VAL A 84 -12.57 3.02 -5.16
N CYS A 85 -11.41 2.36 -5.29
CA CYS A 85 -10.16 2.98 -4.88
C CYS A 85 -9.32 3.31 -6.09
N SER A 86 -8.24 4.06 -5.82
N SER A 86 -8.25 4.08 -5.81
CA SER A 86 -7.25 4.33 -6.83
CA SER A 86 -7.22 4.39 -6.79
C SER A 86 -5.92 3.80 -6.32
C SER A 86 -5.92 3.77 -6.30
N VAL A 87 -5.22 3.05 -7.16
CA VAL A 87 -3.89 2.57 -6.82
C VAL A 87 -2.92 3.59 -7.41
N LEU A 88 -2.19 4.28 -6.53
CA LEU A 88 -1.32 5.36 -7.00
C LEU A 88 0.02 4.82 -7.44
N ILE A 89 0.08 4.36 -8.71
N ILE A 89 0.09 4.44 -8.73
CA ILE A 89 1.30 3.71 -9.16
CA ILE A 89 1.25 3.77 -9.28
C ILE A 89 2.29 4.73 -9.72
C ILE A 89 2.33 4.72 -9.82
N LYS A 90 3.52 4.69 -9.23
CA LYS A 90 4.65 5.39 -9.84
C LYS A 90 5.49 4.35 -10.54
N ARG A 91 6.01 4.72 -11.70
CA ARG A 91 6.93 3.84 -12.45
C ARG A 91 8.34 4.41 -12.34
N ASP A 92 9.35 3.56 -12.55
CA ASP A 92 10.73 4.02 -12.44
C ASP A 92 11.05 5.18 -13.37
N SER A 93 10.34 5.25 -14.50
CA SER A 93 10.54 6.31 -15.48
C SER A 93 10.04 7.65 -14.97
N GLY A 94 9.19 7.60 -13.94
CA GLY A 94 8.55 8.81 -13.43
C GLY A 94 7.08 8.89 -13.78
N GLU A 95 6.62 8.06 -14.70
CA GLU A 95 5.21 8.06 -15.07
C GLU A 95 4.32 7.81 -13.85
N LEU A 96 3.20 8.55 -13.79
CA LEU A 96 2.15 8.29 -12.80
C LEU A 96 1.02 7.55 -13.49
N LEU A 97 0.54 6.50 -12.84
CA LEU A 97 -0.49 5.65 -13.40
C LEU A 97 -1.48 5.35 -12.29
N PRO A 98 -2.48 6.22 -12.13
CA PRO A 98 -3.51 5.93 -11.14
C PRO A 98 -4.47 4.90 -11.72
N LEU A 99 -4.63 3.77 -11.04
CA LEU A 99 -5.51 2.72 -11.53
C LEU A 99 -6.78 2.59 -10.70
N ALA A 100 -7.93 2.64 -11.35
CA ALA A 100 -9.18 2.49 -10.63
C ALA A 100 -9.46 1.02 -10.36
N VAL A 101 -9.80 0.69 -9.11
N VAL A 101 -9.91 0.72 -9.14
CA VAL A 101 -10.15 -0.68 -8.76
CA VAL A 101 -10.19 -0.66 -8.74
C VAL A 101 -11.45 -0.63 -7.95
C VAL A 101 -11.39 -0.73 -7.81
N ARG A 102 -12.33 -1.67 -8.11
CA ARG A 102 -13.48 -1.79 -7.24
C ARG A 102 -13.14 -2.90 -6.25
N MET A 103 -13.14 -2.56 -4.97
CA MET A 103 -12.65 -3.49 -3.97
C MET A 103 -13.68 -4.53 -3.54
N GLY A 104 -13.20 -5.71 -3.20
CA GLY A 104 -14.05 -6.80 -2.77
C GLY A 104 -13.83 -7.16 -1.31
N ALA A 105 -13.67 -8.46 -1.05
CA ALA A 105 -13.60 -8.96 0.32
C ALA A 105 -12.21 -8.86 0.96
N ILE A 106 -12.21 -8.55 2.25
CA ILE A 106 -11.00 -8.65 3.06
C ILE A 106 -10.92 -10.09 3.54
N ALA A 107 -9.78 -10.73 3.33
CA ALA A 107 -9.63 -12.14 3.71
C ALA A 107 -8.16 -12.47 3.84
N SER A 108 -7.89 -13.61 4.47
CA SER A 108 -6.55 -14.18 4.42
C SER A 108 -6.55 -15.20 3.28
N MET A 109 -5.75 -14.93 2.25
CA MET A 109 -5.78 -15.72 1.03
C MET A 109 -4.43 -16.35 0.78
N ARG A 110 -4.42 -17.54 0.21
CA ARG A 110 -3.14 -18.14 -0.15
C ARG A 110 -2.64 -17.58 -1.46
N ILE A 111 -1.43 -17.02 -1.43
CA ILE A 111 -0.83 -16.45 -2.62
C ILE A 111 0.60 -16.98 -2.70
N GLN A 112 0.89 -17.67 -3.78
N GLN A 112 0.89 -17.68 -3.77
CA GLN A 112 2.21 -18.24 -3.97
CA GLN A 112 2.21 -18.25 -3.96
C GLN A 112 2.78 -18.94 -2.72
C GLN A 112 2.78 -18.94 -2.71
N GLY A 113 1.95 -19.77 -2.12
CA GLY A 113 2.36 -20.62 -1.01
C GLY A 113 2.23 -20.08 0.38
N ARG A 114 1.97 -18.79 0.47
CA ARG A 114 1.94 -18.04 1.71
C ARG A 114 0.48 -17.57 1.97
N LEU A 115 0.09 -17.52 3.22
CA LEU A 115 -1.15 -16.86 3.61
C LEU A 115 -0.98 -15.35 3.73
N VAL A 116 -1.83 -14.59 3.05
CA VAL A 116 -1.75 -13.14 2.99
C VAL A 116 -3.08 -12.46 3.37
N HIS A 117 -3.05 -11.66 4.43
CA HIS A 117 -4.20 -10.91 4.85
C HIS A 117 -4.27 -9.63 4.01
N GLY A 118 -5.33 -9.49 3.26
CA GLY A 118 -5.45 -8.46 2.25
C GLY A 118 -6.86 -8.26 1.75
N GLN A 119 -7.01 -7.42 0.76
CA GLN A 119 -8.28 -7.17 0.16
C GLN A 119 -8.12 -7.30 -1.36
N SER A 120 -8.97 -8.12 -1.98
CA SER A 120 -8.90 -8.25 -3.41
C SER A 120 -9.77 -7.20 -4.07
N GLY A 121 -9.54 -6.96 -5.34
CA GLY A 121 -10.27 -5.97 -6.09
C GLY A 121 -10.24 -6.23 -7.58
N MET A 122 -11.17 -5.63 -8.29
CA MET A 122 -11.26 -5.76 -9.73
C MET A 122 -10.79 -4.47 -10.41
N LEU A 123 -9.82 -4.59 -11.30
N LEU A 123 -9.83 -4.59 -11.31
CA LEU A 123 -9.37 -3.45 -12.10
CA LEU A 123 -9.43 -3.41 -12.07
C LEU A 123 -10.48 -2.97 -13.04
C LEU A 123 -10.58 -2.97 -12.97
N LEU A 124 -10.77 -1.66 -13.05
CA LEU A 124 -11.83 -1.08 -13.86
C LEU A 124 -11.27 -0.49 -15.18
N THR A 125 -11.98 -0.68 -16.29
CA THR A 125 -11.64 -0.10 -17.61
C THR A 125 -10.15 0.01 -17.99
N GLY A 135 -2.34 -2.35 -16.64
CA GLY A 135 -2.58 -2.74 -15.25
C GLY A 135 -1.31 -2.64 -14.45
N THR A 136 -1.23 -3.40 -13.36
CA THR A 136 -0.03 -3.40 -12.54
C THR A 136 1.07 -4.29 -13.12
N ILE A 137 2.29 -4.04 -12.65
CA ILE A 137 3.46 -4.86 -12.99
C ILE A 137 4.22 -5.20 -11.72
N PRO A 138 5.13 -6.18 -11.78
CA PRO A 138 5.84 -6.67 -10.60
C PRO A 138 6.54 -5.59 -9.75
N GLY A 139 7.11 -4.57 -10.39
CA GLY A 139 7.75 -3.49 -9.67
C GLY A 139 6.82 -2.52 -8.95
N ASP A 140 5.50 -2.70 -9.06
CA ASP A 140 4.55 -1.76 -8.45
C ASP A 140 4.21 -2.09 -6.99
N CYS A 141 4.71 -3.16 -6.42
CA CYS A 141 4.30 -3.55 -5.09
C CYS A 141 4.68 -2.45 -4.11
N GLY A 142 3.79 -2.19 -3.15
CA GLY A 142 3.95 -1.13 -2.18
C GLY A 142 3.16 0.13 -2.51
N ALA A 143 2.68 0.25 -3.74
CA ALA A 143 1.88 1.42 -4.12
C ALA A 143 0.61 1.45 -3.28
N PRO A 144 0.18 2.63 -2.85
CA PRO A 144 -0.98 2.71 -1.97
C PRO A 144 -2.33 2.58 -2.69
N TYR A 145 -3.28 1.99 -2.00
CA TYR A 145 -4.67 2.00 -2.41
C TYR A 145 -5.36 3.09 -1.61
N VAL A 146 -5.90 4.10 -2.30
CA VAL A 146 -6.53 5.22 -1.62
C VAL A 146 -7.94 5.44 -2.10
N HIS A 147 -8.75 6.11 -1.31
CA HIS A 147 -10.06 6.54 -1.78
C HIS A 147 -10.46 7.85 -1.13
N LYS A 148 -11.29 8.62 -1.81
CA LYS A 148 -11.68 9.91 -1.29
C LYS A 148 -12.97 9.81 -0.49
N ARG A 149 -12.91 10.29 0.74
CA ARG A 149 -14.04 10.37 1.67
C ARG A 149 -14.25 11.83 2.02
N GLY A 150 -15.36 12.38 1.52
CA GLY A 150 -15.60 13.79 1.63
C GLY A 150 -14.51 14.53 0.90
N ASN A 151 -13.83 15.42 1.62
CA ASN A 151 -12.83 16.22 0.99
C ASN A 151 -11.43 15.65 1.19
N ASP A 152 -11.33 14.54 1.93
CA ASP A 152 -10.01 13.95 2.17
C ASP A 152 -9.81 12.57 1.61
N TRP A 153 -8.54 12.27 1.42
CA TRP A 153 -8.11 10.98 0.96
C TRP A 153 -7.76 10.08 2.15
N VAL A 154 -8.10 8.80 2.03
CA VAL A 154 -7.85 7.79 3.04
C VAL A 154 -7.01 6.72 2.36
N VAL A 155 -5.98 6.20 3.03
CA VAL A 155 -5.22 5.09 2.46
C VAL A 155 -5.63 3.82 3.21
N CYS A 156 -5.76 2.71 2.49
CA CYS A 156 -6.28 1.52 3.15
C CYS A 156 -5.58 0.21 2.79
N GLY A 157 -4.51 0.29 2.02
CA GLY A 157 -3.76 -0.90 1.68
C GLY A 157 -2.54 -0.57 0.82
N VAL A 158 -1.68 -1.57 0.62
CA VAL A 158 -0.51 -1.42 -0.23
C VAL A 158 -0.45 -2.56 -1.22
N HIS A 159 -0.08 -2.31 -2.47
CA HIS A 159 -0.14 -3.33 -3.50
C HIS A 159 0.75 -4.50 -3.19
N ALA A 160 0.16 -5.69 -3.28
CA ALA A 160 0.88 -6.89 -2.93
C ALA A 160 0.87 -7.99 -4.01
N ALA A 161 -0.17 -8.05 -4.80
CA ALA A 161 -0.26 -9.14 -5.76
C ALA A 161 -1.29 -8.88 -6.83
N ALA A 162 -1.21 -9.62 -7.93
CA ALA A 162 -2.23 -9.53 -8.96
C ALA A 162 -2.29 -10.84 -9.75
N THR A 163 -3.42 -11.12 -10.42
CA THR A 163 -3.49 -12.31 -11.27
C THR A 163 -2.65 -12.04 -12.52
N LYS A 164 -2.20 -13.06 -13.21
CA LYS A 164 -1.23 -12.85 -14.29
C LYS A 164 -1.65 -11.71 -15.25
N SER A 165 -2.90 -11.76 -15.71
CA SER A 165 -3.54 -10.71 -16.50
C SER A 165 -3.50 -9.37 -15.83
N GLY A 166 -3.53 -9.37 -14.48
CA GLY A 166 -3.67 -8.12 -13.76
C GLY A 166 -5.10 -7.69 -13.42
N ASN A 167 -6.10 -8.47 -13.81
CA ASN A 167 -7.51 -8.07 -13.66
C ASN A 167 -8.05 -8.07 -12.24
N THR A 168 -7.55 -9.00 -11.46
CA THR A 168 -7.76 -9.04 -10.05
C THR A 168 -6.44 -8.62 -9.37
N VAL A 169 -6.56 -7.71 -8.42
CA VAL A 169 -5.43 -7.29 -7.63
C VAL A 169 -5.69 -7.55 -6.14
N VAL A 170 -4.63 -7.52 -5.36
CA VAL A 170 -4.74 -7.66 -3.91
C VAL A 170 -3.84 -6.61 -3.26
N CYS A 171 -4.40 -5.90 -2.29
CA CYS A 171 -3.60 -5.02 -1.45
C CYS A 171 -3.46 -5.67 -0.07
N ALA A 172 -2.26 -5.63 0.49
CA ALA A 172 -2.12 -6.05 1.85
C ALA A 172 -2.79 -4.99 2.75
N VAL A 173 -3.38 -5.43 3.86
CA VAL A 173 -3.99 -4.49 4.80
C VAL A 173 -3.50 -4.80 6.20
N GLN A 174 -3.67 -3.83 7.10
CA GLN A 174 -3.28 -4.03 8.49
C GLN A 174 -3.95 -5.24 9.11
N ALA A 175 -3.30 -5.83 10.10
CA ALA A 175 -3.89 -6.88 10.90
C ALA A 175 -5.12 -6.36 11.60
N GLY A 176 -6.09 -7.23 11.76
CA GLY A 176 -7.21 -6.92 12.63
C GLY A 176 -8.40 -7.70 12.17
N GLU A 177 -9.14 -8.23 13.13
CA GLU A 177 -10.32 -9.01 12.84
C GLU A 177 -11.54 -8.10 13.00
N GLY A 178 -12.62 -8.40 12.31
CA GLY A 178 -13.78 -7.59 12.44
C GLY A 178 -14.88 -8.28 11.68
N GLU A 179 -16.11 -7.94 11.99
CA GLU A 179 -17.24 -8.67 11.51
C GLU A 179 -17.56 -8.48 10.04
N THR A 180 -16.88 -7.58 9.37
CA THR A 180 -17.11 -7.43 7.95
C THR A 180 -16.10 -8.21 7.09
N ALA A 181 -15.18 -8.89 7.74
CA ALA A 181 -14.13 -9.56 7.04
C ALA A 181 -14.40 -11.03 7.10
N GLU A 183 -12.94 -14.06 8.19
CA GLU A 183 -12.19 -14.51 9.35
C GLU A 183 -12.09 -16.06 9.38
N LEU B 2 -0.01 -13.52 -8.15
CA LEU B 2 1.41 -13.57 -8.06
C LEU B 2 1.84 -12.28 -7.38
N PHE B 3 2.79 -12.46 -6.49
CA PHE B 3 3.35 -11.33 -5.73
C PHE B 3 3.92 -10.34 -6.73
#